data_2WQO
#
_entry.id   2WQO
#
_cell.length_a   100.430
_cell.length_b   56.840
_cell.length_c   73.490
_cell.angle_alpha   90.00
_cell.angle_beta   128.09
_cell.angle_gamma   90.00
#
_symmetry.space_group_name_H-M   'C 1 2 1'
#
loop_
_entity.id
_entity.type
_entity.pdbx_description
1 polymer 'SERINE/THREONINE-PROTEIN KINASE NEK2'
2 non-polymer '4-[2-AMINO-5-(3,4,5-TRIMETHOXYPHENYL)PYRIDIN-3-YL]BENZOIC ACID'
3 non-polymer 'CHLORIDE ION'
4 water water
#
_entity_poly.entity_id   1
_entity_poly.type   'polypeptide(L)'
_entity_poly.pdbx_seq_one_letter_code
;MPSRAEDYEVLYTIGTGSYGRCQKIRRKSDGKILVWKELDYGSMTEAEKQMLVSEVNLLRELKHPNIVRYYDRIIDRTNT
TLYIVMEYCEGGDLASVITKGTKERQYLDEEFVLRVMTQLTLALKECHRRSDGGHTVLHRDLKPANVFLDGKQNVKLGDF
GLARILNHDTSFAKTFVGTPYYMSPEQMNRMSYNEKSDIWSLGCLLYELCALMPPFTAFSQKELAGKIREGKFRRIPYRY
SDELNEIITRMLNLKDYHRPSVEEILENPLILEHHHHHH
;
_entity_poly.pdbx_strand_id   A
#
# COMPACT_ATOMS: atom_id res chain seq x y z
N SER A 3 -4.62 -7.16 -27.17
CA SER A 3 -3.79 -7.65 -26.07
C SER A 3 -2.33 -7.72 -26.52
N ARG A 4 -1.91 -6.72 -27.29
CA ARG A 4 -0.50 -6.58 -27.65
C ARG A 4 -0.09 -5.13 -27.36
N ALA A 5 1.18 -4.91 -27.10
CA ALA A 5 1.66 -3.58 -26.69
C ALA A 5 1.25 -2.46 -27.66
N GLU A 6 1.10 -2.81 -28.95
CA GLU A 6 0.80 -1.82 -29.99
C GLU A 6 -0.59 -1.28 -29.89
N ASP A 7 -1.43 -1.94 -29.06
CA ASP A 7 -2.79 -1.49 -28.84
C ASP A 7 -2.86 -0.25 -27.93
N TYR A 8 -1.74 0.09 -27.32
CA TYR A 8 -1.69 1.21 -26.38
C TYR A 8 -0.64 2.23 -26.80
N GLU A 9 -0.89 3.52 -26.50
CA GLU A 9 0.14 4.54 -26.63
C GLU A 9 0.64 4.93 -25.25
N VAL A 10 1.95 4.97 -25.07
CA VAL A 10 2.52 5.48 -23.83
C VAL A 10 2.31 6.98 -23.82
N LEU A 11 1.78 7.53 -22.73
CA LEU A 11 1.62 8.96 -22.58
C LEU A 11 2.87 9.56 -21.88
N TYR A 12 3.35 8.90 -20.84
CA TYR A 12 4.61 9.25 -20.20
C TYR A 12 4.92 8.30 -19.06
N THR A 13 6.15 8.32 -18.62
CA THR A 13 6.66 7.42 -17.61
C THR A 13 6.32 7.94 -16.22
N ILE A 14 5.77 7.08 -15.37
CA ILE A 14 5.48 7.46 -14.01
C ILE A 14 6.76 7.33 -13.17
N GLY A 15 7.40 6.16 -13.20
CA GLY A 15 8.64 5.94 -12.49
C GLY A 15 9.48 4.83 -13.07
N THR A 16 10.74 4.78 -12.68
CA THR A 16 11.66 3.76 -13.16
C THR A 16 12.32 3.04 -11.98
N GLY A 20 11.92 -2.69 -12.78
CA GLY A 20 11.42 -2.20 -14.06
C GLY A 20 10.96 -0.74 -14.09
N ARG A 21 9.91 -0.47 -14.84
CA ARG A 21 9.43 0.90 -15.07
C ARG A 21 7.90 0.95 -15.22
N CYS A 22 7.29 2.05 -14.79
CA CYS A 22 5.84 2.22 -14.88
C CYS A 22 5.49 3.40 -15.74
N GLN A 23 4.45 3.22 -16.58
CA GLN A 23 4.06 4.23 -17.54
C GLN A 23 2.59 4.41 -17.63
N LYS A 24 2.16 5.64 -17.76
CA LYS A 24 0.77 5.95 -18.01
C LYS A 24 0.52 5.72 -19.49
N ILE A 25 -0.53 4.96 -19.82
CA ILE A 25 -0.81 4.56 -21.19
C ILE A 25 -2.25 4.82 -21.55
N ARG A 26 -2.53 4.88 -22.86
CA ARG A 26 -3.89 5.05 -23.32
C ARG A 26 -4.24 3.95 -24.32
N ARG A 27 -5.36 3.24 -24.06
CA ARG A 27 -5.79 2.18 -24.94
C ARG A 27 -6.42 2.81 -26.19
N LYS A 28 -5.91 2.43 -27.32
CA LYS A 28 -6.28 3.08 -28.60
C LYS A 28 -7.76 2.91 -28.96
N SER A 29 -8.27 1.69 -28.74
CA SER A 29 -9.64 1.35 -29.15
C SER A 29 -10.70 2.28 -28.56
N ASP A 30 -10.51 2.72 -27.31
CA ASP A 30 -11.54 3.47 -26.62
C ASP A 30 -11.04 4.67 -25.85
N GLY A 31 -9.72 4.91 -25.87
CA GLY A 31 -9.13 6.02 -25.14
C GLY A 31 -9.03 5.85 -23.61
N LYS A 32 -9.23 4.63 -23.13
CA LYS A 32 -9.17 4.31 -21.69
C LYS A 32 -7.75 4.49 -21.13
N ILE A 33 -7.65 5.36 -20.12
CA ILE A 33 -6.41 5.59 -19.42
C ILE A 33 -6.05 4.46 -18.47
N LEU A 34 -4.84 3.94 -18.60
CA LEU A 34 -4.38 2.81 -17.79
C LEU A 34 -2.93 3.06 -17.40
N VAL A 35 -2.30 2.11 -16.74
CA VAL A 35 -0.86 2.10 -16.61
C VAL A 35 -0.33 0.72 -16.84
N TRP A 36 0.96 0.60 -17.17
CA TRP A 36 1.58 -0.70 -17.16
C TRP A 36 2.90 -0.67 -16.44
N LYS A 37 3.27 -1.81 -15.91
CA LYS A 37 4.59 -2.02 -15.32
C LYS A 37 5.37 -2.93 -16.29
N GLU A 38 6.60 -2.55 -16.58
CA GLU A 38 7.46 -3.30 -17.53
C GLU A 38 8.48 -4.15 -16.79
N LEU A 39 8.40 -5.45 -16.94
CA LEU A 39 9.43 -6.32 -16.37
C LEU A 39 10.26 -6.96 -17.49
N ASP A 40 11.56 -6.73 -17.45
CA ASP A 40 12.48 -7.40 -18.39
C ASP A 40 12.83 -8.78 -17.83
N TYR A 41 12.31 -9.82 -18.47
CA TYR A 41 12.59 -11.17 -18.02
C TYR A 41 13.77 -11.77 -18.80
N GLY A 42 14.28 -11.02 -19.76
CA GLY A 42 15.31 -11.49 -20.67
C GLY A 42 16.54 -12.03 -19.99
N SER A 43 16.71 -11.71 -18.71
CA SER A 43 17.87 -12.16 -17.95
C SER A 43 17.48 -13.24 -16.95
N MET A 44 16.28 -13.79 -17.11
CA MET A 44 15.74 -14.80 -16.20
C MET A 44 15.84 -16.22 -16.72
N THR A 45 15.97 -17.17 -15.80
CA THR A 45 15.92 -18.60 -16.13
C THR A 45 14.46 -19.02 -16.35
N GLU A 46 14.28 -20.23 -16.85
CA GLU A 46 12.94 -20.77 -17.10
C GLU A 46 12.18 -20.98 -15.79
N ALA A 47 12.90 -21.32 -14.72
CA ALA A 47 12.26 -21.52 -13.42
C ALA A 47 11.81 -20.17 -12.83
N GLU A 48 12.66 -19.14 -13.03
CA GLU A 48 12.31 -17.81 -12.60
C GLU A 48 11.09 -17.29 -13.38
N LYS A 49 11.03 -17.62 -14.66
CA LYS A 49 9.93 -17.18 -15.50
C LYS A 49 8.64 -17.93 -15.19
N GLN A 50 8.75 -19.19 -14.77
CA GLN A 50 7.59 -19.98 -14.38
C GLN A 50 7.00 -19.41 -13.10
N MET A 51 7.88 -18.99 -12.20
CA MET A 51 7.49 -18.28 -10.98
C MET A 51 6.75 -16.99 -11.32
N LEU A 52 7.31 -16.21 -12.23
CA LEU A 52 6.74 -14.95 -12.63
C LEU A 52 5.33 -15.10 -13.20
N VAL A 53 5.14 -16.09 -14.07
CA VAL A 53 3.82 -16.32 -14.68
C VAL A 53 2.76 -16.78 -13.67
N SER A 54 3.13 -17.68 -12.77
CA SER A 54 2.19 -18.10 -11.75
C SER A 54 1.77 -16.89 -10.88
N GLU A 55 2.77 -16.15 -10.38
CA GLU A 55 2.54 -14.97 -9.59
C GLU A 55 1.61 -13.97 -10.28
N VAL A 56 1.88 -13.70 -11.54
CA VAL A 56 1.06 -12.77 -12.29
C VAL A 56 -0.37 -13.29 -12.45
N ASN A 57 -0.51 -14.60 -12.61
CA ASN A 57 -1.83 -15.21 -12.78
C ASN A 57 -2.69 -15.14 -11.52
N LEU A 58 -2.04 -15.08 -10.37
CA LEU A 58 -2.78 -14.95 -9.12
C LEU A 58 -3.19 -13.48 -8.88
N LEU A 59 -2.32 -12.55 -9.28
CA LEU A 59 -2.62 -11.13 -9.28
C LEU A 59 -3.85 -10.80 -10.12
N ARG A 60 -4.03 -11.50 -11.24
CA ARG A 60 -5.17 -11.27 -12.13
C ARG A 60 -6.50 -11.55 -11.44
N GLU A 61 -6.46 -12.44 -10.44
CA GLU A 61 -7.67 -12.90 -9.75
C GLU A 61 -8.22 -11.90 -8.71
N LEU A 62 -7.32 -11.13 -8.08
CA LEU A 62 -7.71 -10.17 -7.06
C LEU A 62 -8.60 -9.06 -7.61
N LYS A 63 -9.91 -9.23 -7.45
CA LYS A 63 -10.88 -8.20 -7.78
C LYS A 63 -11.47 -7.62 -6.50
N HIS A 64 -11.09 -6.39 -6.19
CA HIS A 64 -11.52 -5.76 -4.94
C HIS A 64 -11.35 -4.25 -5.10
N PRO A 65 -12.34 -3.47 -4.67
CA PRO A 65 -12.27 -2.03 -4.90
C PRO A 65 -11.07 -1.36 -4.18
N ASN A 66 -10.53 -2.00 -3.15
CA ASN A 66 -9.36 -1.40 -2.48
C ASN A 66 -8.04 -2.12 -2.78
N ILE A 67 -8.04 -2.89 -3.87
CA ILE A 67 -6.78 -3.44 -4.40
C ILE A 67 -6.60 -2.99 -5.89
N VAL A 68 -5.41 -2.52 -6.21
CA VAL A 68 -5.11 -2.13 -7.59
C VAL A 68 -5.53 -3.30 -8.54
N ARG A 69 -6.36 -2.97 -9.50
CA ARG A 69 -6.86 -4.00 -10.43
C ARG A 69 -5.85 -4.28 -11.58
N TYR A 70 -5.40 -5.51 -11.69
CA TYR A 70 -4.51 -5.91 -12.79
C TYR A 70 -5.31 -6.57 -13.92
N TYR A 71 -5.41 -5.86 -15.04
CA TYR A 71 -6.30 -6.25 -16.14
C TYR A 71 -5.71 -7.30 -17.07
N ASP A 72 -4.45 -7.12 -17.48
CA ASP A 72 -3.91 -7.88 -18.59
C ASP A 72 -2.42 -8.06 -18.41
N ARG A 73 -1.87 -9.01 -19.14
CA ARG A 73 -0.41 -9.20 -19.18
C ARG A 73 -0.03 -9.33 -20.66
N ILE A 74 0.97 -8.56 -21.08
CA ILE A 74 1.37 -8.55 -22.48
C ILE A 74 2.83 -8.94 -22.58
N ILE A 75 3.12 -9.87 -23.48
CA ILE A 75 4.50 -10.27 -23.72
C ILE A 75 4.99 -9.73 -25.07
N ASP A 76 6.13 -9.07 -25.05
CA ASP A 76 6.77 -8.64 -26.29
C ASP A 76 8.09 -9.39 -26.40
N ARG A 77 8.01 -10.62 -26.91
CA ARG A 77 9.17 -11.51 -26.96
C ARG A 77 10.32 -10.90 -27.77
N THR A 78 10.00 -9.92 -28.61
CA THR A 78 11.01 -9.14 -29.34
C THR A 78 11.93 -8.39 -28.36
N ASN A 79 11.33 -7.88 -27.29
CA ASN A 79 12.07 -7.10 -26.32
C ASN A 79 12.35 -7.96 -25.09
N THR A 80 11.69 -9.12 -25.03
CA THR A 80 11.67 -9.95 -23.82
C THR A 80 11.15 -9.11 -22.66
N THR A 81 10.19 -8.23 -22.98
CA THR A 81 9.57 -7.36 -21.98
C THR A 81 8.15 -7.83 -21.66
N LEU A 82 7.86 -7.95 -20.36
CA LEU A 82 6.50 -8.27 -19.89
C LEU A 82 5.81 -7.00 -19.41
N TYR A 83 4.56 -6.82 -19.83
CA TYR A 83 3.80 -5.65 -19.44
C TYR A 83 2.62 -6.08 -18.60
N ILE A 84 2.54 -5.57 -17.37
CA ILE A 84 1.31 -5.77 -16.58
C ILE A 84 0.47 -4.52 -16.67
N VAL A 85 -0.71 -4.65 -17.28
CA VAL A 85 -1.60 -3.56 -17.48
C VAL A 85 -2.57 -3.48 -16.28
N MET A 86 -2.70 -2.30 -15.69
CA MET A 86 -3.52 -2.14 -14.49
C MET A 86 -4.23 -0.83 -14.50
N GLU A 87 -5.19 -0.64 -13.58
CA GLU A 87 -5.89 0.62 -13.47
C GLU A 87 -4.95 1.78 -13.16
N TYR A 88 -5.35 2.97 -13.57
CA TYR A 88 -4.58 4.20 -13.27
C TYR A 88 -5.18 4.88 -12.02
N CYS A 89 -4.29 5.17 -11.06
CA CYS A 89 -4.67 5.88 -9.83
C CYS A 89 -4.14 7.29 -9.87
N GLU A 90 -4.99 8.22 -10.28
CA GLU A 90 -4.51 9.57 -10.64
C GLU A 90 -3.94 10.32 -9.46
N GLY A 91 -4.20 9.81 -8.23
CA GLY A 91 -3.78 10.54 -7.02
C GLY A 91 -2.37 10.26 -6.59
N GLY A 92 -1.70 9.27 -7.21
CA GLY A 92 -0.34 8.93 -6.83
C GLY A 92 -0.33 8.00 -5.62
N ASP A 93 0.80 7.89 -4.96
CA ASP A 93 0.91 7.01 -3.80
C ASP A 93 0.91 7.83 -2.48
N LEU A 94 0.81 7.11 -1.37
CA LEU A 94 0.74 7.75 -0.07
C LEU A 94 2.08 8.37 0.34
N ALA A 95 3.17 7.77 -0.14
CA ALA A 95 4.48 8.29 0.19
C ALA A 95 4.57 9.78 -0.21
N SER A 96 4.08 10.09 -1.40
CA SER A 96 4.09 11.45 -1.93
C SER A 96 3.15 12.35 -1.16
N VAL A 97 2.00 11.80 -0.76
CA VAL A 97 1.09 12.59 0.12
C VAL A 97 1.82 12.99 1.45
N ILE A 98 2.49 12.04 2.06
CA ILE A 98 3.18 12.28 3.32
C ILE A 98 4.33 13.29 3.15
N THR A 99 5.01 13.17 2.01
CA THR A 99 6.09 14.10 1.67
C THR A 99 5.57 15.51 1.42
N LYS A 100 4.50 15.61 0.67
CA LYS A 100 3.81 16.89 0.47
C LYS A 100 3.49 17.58 1.81
N GLY A 101 3.00 16.80 2.77
CA GLY A 101 2.60 17.31 4.07
C GLY A 101 3.79 17.83 4.86
N THR A 102 4.87 17.05 4.87
CA THR A 102 6.10 17.48 5.52
C THR A 102 6.56 18.82 4.94
N LYS A 103 6.65 18.87 3.62
CA LYS A 103 7.13 20.04 2.90
C LYS A 103 6.31 21.29 3.25
N GLU A 104 5.00 21.21 3.03
CA GLU A 104 4.12 22.35 3.21
C GLU A 104 3.71 22.56 4.67
N ARG A 105 4.41 21.85 5.58
CA ARG A 105 4.18 21.98 7.02
C ARG A 105 2.71 21.83 7.45
N GLN A 106 2.00 20.92 6.81
CA GLN A 106 0.56 20.80 7.01
C GLN A 106 0.17 19.36 7.33
N TYR A 107 -0.55 19.16 8.43
CA TYR A 107 -0.98 17.82 8.80
C TYR A 107 -2.18 17.38 7.96
N LEU A 108 -2.27 16.07 7.72
CA LEU A 108 -3.41 15.50 6.97
C LEU A 108 -4.70 15.49 7.79
N ASP A 109 -5.81 15.75 7.14
CA ASP A 109 -7.15 15.62 7.77
C ASP A 109 -7.38 14.28 8.47
N GLU A 110 -7.89 14.32 9.68
CA GLU A 110 -8.33 13.09 10.33
C GLU A 110 -9.27 12.26 9.39
N GLU A 111 -10.21 12.95 8.73
CA GLU A 111 -11.08 12.25 7.76
C GLU A 111 -10.33 11.46 6.71
N PHE A 112 -9.27 12.01 6.19
CA PHE A 112 -8.44 11.30 5.24
C PHE A 112 -7.79 10.09 5.88
N VAL A 113 -7.26 10.27 7.11
CA VAL A 113 -6.63 9.15 7.80
C VAL A 113 -7.66 8.02 8.03
N LEU A 114 -8.88 8.37 8.37
CA LEU A 114 -9.92 7.36 8.60
C LEU A 114 -10.29 6.61 7.31
N ARG A 115 -10.30 7.32 6.19
CA ARG A 115 -10.47 6.69 4.89
C ARG A 115 -9.38 5.67 4.59
N VAL A 116 -8.12 6.05 4.87
CA VAL A 116 -7.01 5.11 4.59
C VAL A 116 -7.11 3.88 5.50
N MET A 117 -7.39 4.11 6.77
CA MET A 117 -7.51 3.04 7.76
C MET A 117 -8.62 2.06 7.34
N THR A 118 -9.76 2.62 7.00
CA THR A 118 -10.93 1.76 6.64
C THR A 118 -10.63 0.93 5.36
N GLN A 119 -10.19 1.63 4.32
CA GLN A 119 -10.03 0.97 3.00
C GLN A 119 -8.84 0.06 2.98
N LEU A 120 -7.76 0.41 3.70
CA LEU A 120 -6.60 -0.51 3.79
C LEU A 120 -6.91 -1.72 4.62
N THR A 121 -7.78 -1.56 5.65
CA THR A 121 -8.12 -2.70 6.49
C THR A 121 -8.95 -3.71 5.67
N LEU A 122 -9.87 -3.19 4.87
CA LEU A 122 -10.69 -4.04 4.00
C LEU A 122 -9.80 -4.73 2.93
N ALA A 123 -8.79 -4.00 2.43
CA ALA A 123 -7.81 -4.63 1.56
C ALA A 123 -7.10 -5.81 2.21
N LEU A 124 -6.65 -5.63 3.44
CA LEU A 124 -5.97 -6.72 4.18
C LEU A 124 -6.93 -7.89 4.44
N LYS A 125 -8.15 -7.55 4.81
CA LYS A 125 -9.15 -8.56 5.06
C LYS A 125 -9.30 -9.45 3.80
N GLU A 126 -9.30 -8.82 2.65
CA GLU A 126 -9.40 -9.57 1.38
C GLU A 126 -8.18 -10.46 1.14
N CYS A 127 -6.98 -9.93 1.44
CA CYS A 127 -5.75 -10.72 1.31
C CYS A 127 -5.70 -11.91 2.25
N HIS A 128 -6.16 -11.72 3.48
CA HIS A 128 -6.16 -12.80 4.45
C HIS A 128 -7.14 -13.90 4.04
N ARG A 129 -8.28 -13.47 3.49
CA ARG A 129 -9.31 -14.39 2.96
C ARG A 129 -8.80 -15.38 1.91
N ARG A 130 -7.86 -14.96 1.05
CA ARG A 130 -7.29 -15.90 0.11
C ARG A 130 -6.40 -16.96 0.75
N LEU A 142 3.19 -3.64 2.60
CA LEU A 142 2.36 -2.60 3.24
C LEU A 142 3.20 -1.42 3.70
N LYS A 143 3.38 -0.44 2.83
CA LYS A 143 4.14 0.73 3.05
C LYS A 143 3.52 1.82 2.20
N PRO A 144 3.83 3.09 2.51
CA PRO A 144 3.17 4.19 1.80
C PRO A 144 3.39 4.14 0.27
N ALA A 145 4.57 3.69 -0.15
CA ALA A 145 4.85 3.66 -1.58
C ALA A 145 4.03 2.59 -2.29
N ASN A 146 3.36 1.72 -1.53
CA ASN A 146 2.56 0.64 -2.06
C ASN A 146 1.05 0.93 -1.88
N VAL A 147 0.72 2.16 -1.57
CA VAL A 147 -0.64 2.54 -1.37
C VAL A 147 -1.02 3.66 -2.28
N PHE A 148 -2.09 3.47 -3.04
CA PHE A 148 -2.40 4.43 -4.12
C PHE A 148 -3.78 5.04 -3.98
N LEU A 149 -3.89 6.26 -4.49
CA LEU A 149 -5.13 7.01 -4.44
C LEU A 149 -5.70 7.16 -5.86
N ASP A 150 -7.01 6.89 -6.01
CA ASP A 150 -7.65 7.16 -7.30
C ASP A 150 -8.23 8.57 -7.34
N GLY A 151 -9.09 8.83 -8.30
CA GLY A 151 -9.59 10.15 -8.49
C GLY A 151 -10.76 10.55 -7.61
N LYS A 152 -11.27 9.59 -6.83
CA LYS A 152 -12.52 9.77 -6.12
C LYS A 152 -12.37 9.49 -4.63
N GLN A 153 -11.17 9.75 -4.12
CA GLN A 153 -10.85 9.53 -2.72
C GLN A 153 -10.76 8.05 -2.29
N ASN A 154 -10.58 7.14 -3.24
CA ASN A 154 -10.44 5.78 -2.88
C ASN A 154 -8.95 5.40 -2.66
N VAL A 155 -8.73 4.44 -1.78
CA VAL A 155 -7.38 4.03 -1.47
C VAL A 155 -7.21 2.59 -1.95
N LYS A 156 -6.07 2.30 -2.61
CA LYS A 156 -5.88 0.95 -3.16
C LYS A 156 -4.52 0.39 -2.84
N LEU A 157 -4.52 -0.85 -2.36
CA LEU A 157 -3.25 -1.53 -2.08
C LEU A 157 -2.74 -2.12 -3.44
N GLY A 158 -1.47 -1.89 -3.73
CA GLY A 158 -0.94 -2.41 -4.97
C GLY A 158 0.12 -3.45 -4.78
N ASP A 159 1.03 -3.50 -5.76
CA ASP A 159 2.20 -4.36 -5.77
C ASP A 159 2.06 -5.62 -4.93
N GLY A 178 17.85 -0.27 2.95
CA GLY A 178 16.71 0.47 3.49
C GLY A 178 16.25 0.00 4.86
N THR A 179 15.94 0.94 5.73
CA THR A 179 15.50 0.63 7.09
C THR A 179 14.08 0.07 7.08
N PRO A 180 13.89 -1.10 7.72
CA PRO A 180 12.55 -1.74 7.80
C PRO A 180 11.70 -1.14 8.93
N TYR A 181 11.30 0.13 8.74
CA TYR A 181 10.57 0.89 9.76
C TYR A 181 9.34 0.18 10.33
N TYR A 182 8.71 -0.63 9.49
CA TYR A 182 7.40 -1.23 9.82
C TYR A 182 7.51 -2.67 10.30
N MET A 183 8.75 -3.18 10.48
CA MET A 183 8.93 -4.55 10.90
C MET A 183 8.33 -4.77 12.30
N SER A 184 7.47 -5.75 12.42
CA SER A 184 6.86 -6.07 13.72
C SER A 184 7.84 -6.82 14.62
N PRO A 185 7.69 -6.64 15.93
CA PRO A 185 8.54 -7.30 16.93
C PRO A 185 8.70 -8.80 16.64
N GLU A 186 7.57 -9.49 16.45
CA GLU A 186 7.59 -10.93 16.26
C GLU A 186 8.31 -11.35 14.97
N GLN A 187 8.09 -10.61 13.90
CA GLN A 187 8.70 -10.94 12.63
C GLN A 187 10.13 -10.47 12.62
N MET A 188 10.51 -9.84 13.72
CA MET A 188 11.90 -9.39 13.91
C MET A 188 12.67 -10.47 14.65
N ASN A 189 11.93 -11.47 15.15
CA ASN A 189 12.50 -12.64 15.79
C ASN A 189 12.47 -13.84 14.85
N ARG A 190 11.29 -14.44 14.68
CA ARG A 190 11.13 -15.56 13.76
C ARG A 190 10.18 -15.22 12.62
N ASN A 194 1.81 -14.63 10.24
CA ASN A 194 1.00 -13.99 11.30
C ASN A 194 0.18 -12.79 10.79
N GLU A 195 -1.14 -12.94 10.76
CA GLU A 195 -2.00 -11.85 10.32
C GLU A 195 -1.97 -10.61 11.26
N LYS A 196 -1.57 -10.82 12.50
CA LYS A 196 -1.42 -9.70 13.43
C LYS A 196 -0.17 -8.87 13.14
N SER A 197 0.77 -9.40 12.39
CA SER A 197 1.94 -8.63 11.97
C SER A 197 1.55 -7.57 10.94
N ASP A 198 0.60 -7.90 10.08
CA ASP A 198 0.06 -6.95 9.13
C ASP A 198 -0.62 -5.80 9.83
N ILE A 199 -1.35 -6.09 10.90
CA ILE A 199 -2.00 -5.07 11.73
C ILE A 199 -0.96 -4.09 12.27
N TRP A 200 0.16 -4.63 12.77
CA TRP A 200 1.25 -3.79 13.24
C TRP A 200 1.72 -2.85 12.13
N SER A 201 2.00 -3.46 10.95
CA SER A 201 2.49 -2.64 9.82
C SER A 201 1.48 -1.59 9.41
N LEU A 202 0.20 -1.94 9.48
CA LEU A 202 -0.84 -0.94 9.21
C LEU A 202 -0.81 0.15 10.24
N GLY A 203 -0.60 -0.23 11.52
CA GLY A 203 -0.48 0.77 12.57
C GLY A 203 0.65 1.77 12.30
N CYS A 204 1.81 1.27 11.84
CA CYS A 204 2.96 2.14 11.55
C CYS A 204 2.68 3.10 10.41
N LEU A 205 1.97 2.58 9.39
CA LEU A 205 1.58 3.40 8.25
C LEU A 205 0.59 4.49 8.66
N LEU A 206 -0.45 4.13 9.39
CA LEU A 206 -1.42 5.16 9.83
C LEU A 206 -0.71 6.16 10.78
N TYR A 207 0.22 5.63 11.56
CA TYR A 207 0.93 6.52 12.48
C TYR A 207 1.72 7.57 11.68
N GLU A 208 2.40 7.11 10.67
CA GLU A 208 3.20 8.04 9.89
C GLU A 208 2.34 9.00 9.06
N LEU A 209 1.13 8.57 8.64
CA LEU A 209 0.24 9.48 8.01
C LEU A 209 -0.13 10.62 8.95
N CYS A 210 -0.29 10.30 10.24
CA CYS A 210 -0.63 11.34 11.23
C CYS A 210 0.56 12.23 11.63
N ALA A 211 1.65 11.58 12.04
CA ALA A 211 2.81 12.33 12.58
C ALA A 211 3.79 12.78 11.50
N LEU A 212 3.62 12.28 10.28
CA LEU A 212 4.51 12.60 9.16
C LEU A 212 5.89 12.04 9.42
N MET A 213 5.93 11.05 10.30
CA MET A 213 7.15 10.30 10.57
C MET A 213 6.72 8.99 11.16
N PRO A 214 7.54 7.93 11.01
CA PRO A 214 7.30 6.59 11.53
C PRO A 214 7.40 6.63 13.07
N PRO A 215 6.73 5.69 13.73
CA PRO A 215 6.65 5.70 15.21
C PRO A 215 8.03 5.40 15.85
N PHE A 216 8.84 4.54 15.19
CA PHE A 216 10.15 4.19 15.67
C PHE A 216 11.18 4.60 14.59
N THR A 217 12.10 5.46 14.96
CA THR A 217 13.15 5.88 14.03
C THR A 217 14.53 5.70 14.65
N ALA A 218 15.54 5.51 13.79
CA ALA A 218 16.87 5.31 14.30
C ALA A 218 17.87 5.51 13.18
N PHE A 219 19.13 5.71 13.54
CA PHE A 219 20.17 5.88 12.52
C PHE A 219 20.77 4.54 12.09
N SER A 220 20.61 3.51 12.94
CA SER A 220 21.03 2.19 12.56
C SER A 220 19.91 1.18 12.79
N GLN A 221 19.97 0.07 12.07
CA GLN A 221 19.01 -0.99 12.18
C GLN A 221 18.97 -1.56 13.60
N LYS A 222 20.12 -1.65 14.25
CA LYS A 222 20.17 -2.26 15.55
C LYS A 222 19.51 -1.34 16.59
N GLU A 223 19.71 -0.04 16.43
CA GLU A 223 19.02 0.95 17.25
C GLU A 223 17.52 0.85 16.99
N LEU A 224 17.15 0.74 15.73
CA LEU A 224 15.78 0.57 15.34
C LEU A 224 15.14 -0.60 16.08
N ALA A 225 15.75 -1.78 15.98
CA ALA A 225 15.21 -2.97 16.61
C ALA A 225 15.05 -2.77 18.11
N GLY A 226 16.02 -2.10 18.73
CA GLY A 226 15.93 -1.78 20.14
C GLY A 226 14.66 -0.99 20.42
N LYS A 227 14.44 0.08 19.66
CA LYS A 227 13.26 0.93 19.83
C LYS A 227 11.95 0.19 19.63
N ILE A 228 11.87 -0.63 18.59
CA ILE A 228 10.70 -1.41 18.31
C ILE A 228 10.36 -2.36 19.45
N ARG A 229 11.38 -2.93 20.08
CA ARG A 229 11.19 -3.90 21.18
C ARG A 229 10.66 -3.31 22.46
N GLU A 230 11.08 -2.08 22.80
CA GLU A 230 10.53 -1.36 23.95
C GLU A 230 9.10 -0.86 23.66
N GLY A 231 8.81 -0.63 22.39
CA GLY A 231 7.43 -0.39 21.95
C GLY A 231 6.89 0.94 22.42
N LYS A 232 7.76 1.94 22.60
CA LYS A 232 7.37 3.26 23.05
C LYS A 232 7.46 4.24 21.91
N PHE A 233 6.53 5.22 21.87
CA PHE A 233 6.50 6.17 20.78
C PHE A 233 5.69 7.36 21.27
N ARG A 234 5.81 8.48 20.54
CA ARG A 234 5.09 9.66 20.83
C ARG A 234 3.61 9.54 20.44
N ARG A 235 2.74 10.28 21.14
CA ARG A 235 1.36 10.35 20.73
C ARG A 235 1.33 10.99 19.33
N ILE A 236 0.41 10.54 18.46
CA ILE A 236 0.20 11.28 17.23
C ILE A 236 -0.18 12.73 17.64
N PRO A 237 -0.06 13.71 16.74
CA PRO A 237 -0.36 15.05 17.09
C PRO A 237 -1.75 15.27 17.69
N TYR A 238 -1.86 16.28 18.56
CA TYR A 238 -3.09 16.54 19.34
C TYR A 238 -4.27 17.00 18.52
N ARG A 239 -4.02 17.41 17.27
CA ARG A 239 -5.13 17.71 16.38
C ARG A 239 -5.98 16.45 16.08
N TYR A 240 -5.40 15.28 16.29
CA TYR A 240 -6.09 14.01 16.16
C TYR A 240 -6.77 13.55 17.46
N SER A 241 -8.03 13.03 17.32
CA SER A 241 -8.86 12.66 18.43
C SER A 241 -8.22 11.53 19.23
N ASP A 242 -8.53 11.47 20.53
CA ASP A 242 -8.11 10.35 21.36
C ASP A 242 -8.55 8.99 20.80
N GLU A 243 -9.75 8.93 20.21
CA GLU A 243 -10.25 7.67 19.66
C GLU A 243 -9.36 7.15 18.51
N LEU A 244 -8.93 8.07 17.64
CA LEU A 244 -8.02 7.70 16.54
C LEU A 244 -6.65 7.28 17.14
N ASN A 245 -6.15 8.10 18.09
CA ASN A 245 -4.93 7.73 18.77
C ASN A 245 -4.99 6.36 19.36
N GLU A 246 -6.14 6.06 19.99
CA GLU A 246 -6.27 4.77 20.68
C GLU A 246 -6.18 3.55 19.74
N ILE A 247 -6.77 3.63 18.55
CA ILE A 247 -6.78 2.44 17.73
C ILE A 247 -5.38 2.22 17.03
N ILE A 248 -4.78 3.33 16.63
CA ILE A 248 -3.44 3.23 16.13
C ILE A 248 -2.49 2.67 17.21
N THR A 249 -2.67 3.14 18.45
CA THR A 249 -1.85 2.63 19.53
C THR A 249 -2.06 1.15 19.79
N ARG A 250 -3.33 0.69 19.79
CA ARG A 250 -3.61 -0.75 19.89
C ARG A 250 -2.95 -1.59 18.79
N MET A 251 -2.93 -1.07 17.55
CA MET A 251 -2.34 -1.83 16.45
C MET A 251 -0.85 -1.98 16.67
N LEU A 252 -0.30 -1.08 17.48
CA LEU A 252 1.15 -1.04 17.71
C LEU A 252 1.54 -1.72 19.04
N ASN A 253 0.61 -2.48 19.61
CA ASN A 253 0.93 -3.26 20.80
C ASN A 253 2.02 -4.25 20.51
N LEU A 254 2.92 -4.44 21.48
CA LEU A 254 4.03 -5.39 21.35
C LEU A 254 3.56 -6.86 21.20
N LYS A 255 2.46 -7.20 21.86
CA LYS A 255 1.91 -8.52 21.81
C LYS A 255 0.86 -8.62 20.68
N ASP A 256 1.11 -9.52 19.74
CA ASP A 256 0.25 -9.63 18.59
C ASP A 256 -1.20 -9.92 18.96
N TYR A 257 -1.39 -10.71 20.01
CA TYR A 257 -2.75 -11.08 20.48
C TYR A 257 -3.50 -9.94 21.13
N HIS A 258 -2.79 -8.83 21.45
CA HIS A 258 -3.50 -7.64 21.94
C HIS A 258 -3.90 -6.68 20.80
N ARG A 259 -3.34 -6.90 19.62
CA ARG A 259 -3.70 -6.06 18.46
C ARG A 259 -5.09 -6.36 17.99
N PRO A 260 -5.80 -5.33 17.58
CA PRO A 260 -7.21 -5.62 17.11
C PRO A 260 -7.18 -6.42 15.80
N SER A 261 -8.17 -7.26 15.62
CA SER A 261 -8.29 -7.94 14.35
C SER A 261 -8.90 -6.98 13.32
N VAL A 262 -8.82 -7.36 12.07
CA VAL A 262 -9.51 -6.61 10.99
C VAL A 262 -10.95 -6.38 11.36
N GLU A 263 -11.62 -7.40 11.87
CA GLU A 263 -13.02 -7.24 12.23
C GLU A 263 -13.23 -6.29 13.41
N GLU A 264 -12.34 -6.35 14.40
CA GLU A 264 -12.43 -5.40 15.55
C GLU A 264 -12.19 -3.95 15.08
N ILE A 265 -11.30 -3.79 14.11
CA ILE A 265 -11.00 -2.43 13.59
C ILE A 265 -12.21 -1.81 12.93
N LEU A 266 -12.91 -2.60 12.09
CA LEU A 266 -14.05 -2.07 11.34
C LEU A 266 -15.27 -1.81 12.22
N GLU A 267 -15.31 -2.46 13.37
CA GLU A 267 -16.39 -2.29 14.38
C GLU A 267 -16.28 -0.97 15.15
N ASN A 268 -15.13 -0.29 14.99
CA ASN A 268 -14.87 0.96 15.69
C ASN A 268 -15.80 2.10 15.25
N PRO A 269 -16.40 2.82 16.20
CA PRO A 269 -17.36 3.90 15.96
C PRO A 269 -16.83 5.03 15.09
N LEU A 270 -15.48 5.24 15.04
CA LEU A 270 -14.90 6.19 14.13
C LEU A 270 -15.23 5.90 12.63
N ILE A 271 -15.37 4.66 12.32
CA ILE A 271 -15.36 4.20 10.93
C ILE A 271 -16.83 4.17 10.38
N LEU A 272 -17.09 5.09 9.47
CA LEU A 272 -18.42 5.30 8.93
C LEU A 272 -18.53 4.93 7.44
N GLU A 273 -19.80 4.97 6.90
CA GLU A 273 -20.01 4.61 5.50
C GLU A 273 -19.16 5.45 4.53
N HIS A 274 -19.12 6.74 4.74
CA HIS A 274 -18.39 7.63 3.80
C HIS A 274 -16.84 7.44 3.79
N HIS A 275 -16.28 6.75 4.77
CA HIS A 275 -14.85 6.42 4.76
C HIS A 275 -14.52 5.25 3.84
N HIS A 276 -15.55 4.52 3.42
CA HIS A 276 -15.38 3.36 2.46
C HIS A 276 -15.25 3.84 1.01
N HIS A 277 -14.92 2.93 0.13
CA HIS A 277 -14.76 3.23 -1.31
C HIS A 277 -16.10 3.68 -1.93
N HIS A 278 -16.05 4.55 -2.90
CA HIS A 278 -17.22 4.89 -3.72
C HIS A 278 -16.79 5.03 -5.15
N HIS A 279 -17.53 4.36 -6.07
CA HIS A 279 -17.30 4.54 -7.48
C HIS A 279 -17.73 5.93 -7.96
#